data_8HD7
#
_entry.id   8HD7
#
_cell.length_a   1.00
_cell.length_b   1.00
_cell.length_c   1.00
_cell.angle_alpha   90.00
_cell.angle_beta   90.00
_cell.angle_gamma   90.00
#
_symmetry.space_group_name_H-M   'P 1'
#
loop_
_entity.id
_entity.type
_entity.pdbx_description
1 polymer "The intermediate pre-Tet-S1 state molecule of co-transcriptional folded G264A mutant Tetrahymena group I intron with 6nt 3'/5'-exon and 2-aminopurine nucleoside"
2 non-polymer SPERMIDINE
3 non-polymer 'MAGNESIUM ION'
#
_entity_poly.entity_id   1
_entity_poly.type   'polyribonucleotide'
_entity_poly.pdbx_seq_one_letter_code
;CUCUCUAAAUAGCAAUAUUUACCUUUGGAGGGAAAAGUUAUCAGGCAUGCACCUGGUAGCUAGUCUUUAAACCAAUAGAU
UGCAUCGGUUUAAAAGGCAAGACCGUCAAAUUGCGGGAAAGGGGUCAACAGCCGUUCAGUACCAAGUCUCAGGGGAAACU
UUGAGAUGGCCUUGCAAAGGGUAUGGUAAUAAGCUGACGGACAUGGUCCUAACCACGCAGCCAAGUCCUAAGUCAACAGA
UCUUCUGUUGAUAUGGAUGCAGUUCACAAACUAAAUGUCGGUCGGGGAAGAUGUAUUCUUCUCAUAAGAUAUAGUCGGAC
CUCUCCUUAAUGGGAGCUAGCGGAUGAAGUGAUGCAACACUGGAGCCGCUGGGAACUAAUUUGUAUGCGAAAGUAUAUUG
AUUAGUUUUGGAGUACUCG
;
_entity_poly.pdbx_strand_id   N
#